data_5L4S
#
_entry.id   5L4S
#
_cell.length_a   60.113
_cell.length_b   65.612
_cell.length_c   94.813
_cell.angle_alpha   90.00
_cell.angle_beta   90.00
_cell.angle_gamma   90.00
#
_symmetry.space_group_name_H-M   'P 21 21 21'
#
loop_
_entity.id
_entity.type
_entity.pdbx_description
1 polymer '(-)-isopiperitenone reductase'
2 non-polymer beta-cyclocitral
3 non-polymer 'NADP NICOTINAMIDE-ADENINE-DINUCLEOTIDE PHOSPHATE'
4 water water
#
_entity_poly.entity_id   1
_entity_poly.type   'polypeptide(L)'
_entity_poly.pdbx_seq_one_letter_code
;GAMAEVQRYALVTGANKGIGFEICRQLAEKGIIVILTSRNEKRGLEARQKLLKELNVSENRLVFHQLDVTDLASVAAVAV
FIKSKFGKLDILVNNAGVSGVEMVGDVSVFNEYIEADFKALQALEAGAKEEPPFKPKANGEMIEKFEGAKDCVVTNYYGP
KRLTQALIPLLQLSPSPRIVNVSSSFGSLLLLWNEWAKGVLGDEDRLTEERVDEVVEVFLKDIKEGKLEESQWPPHFAAE
RVSKAALNAYTKIAAKKYPSFRINAICPGYAKTDITFHAGPLSVAEAAQVPVKLALLPDGGPSGCFFPRDKALALYLE
;
_entity_poly.pdbx_strand_id   A
#
loop_
_chem_comp.id
_chem_comp.type
_chem_comp.name
_chem_comp.formula
6KX non-polymer beta-cyclocitral 'C10 H16 O'
NAP non-polymer 'NADP NICOTINAMIDE-ADENINE-DINUCLEOTIDE PHOSPHATE' 'C21 H28 N7 O17 P3'
#
# COMPACT_ATOMS: atom_id res chain seq x y z
N GLN A 7 -23.92 12.03 0.75
CA GLN A 7 -22.68 12.15 1.58
C GLN A 7 -21.83 10.89 1.51
N ARG A 8 -20.54 11.06 1.24
CA ARG A 8 -19.59 9.99 1.09
C ARG A 8 -18.58 10.00 2.22
N TYR A 9 -18.17 8.82 2.65
CA TYR A 9 -17.22 8.65 3.76
C TYR A 9 -16.03 7.83 3.26
N ALA A 10 -14.84 8.32 3.59
CA ALA A 10 -13.59 7.66 3.20
C ALA A 10 -12.76 7.39 4.43
N LEU A 11 -12.19 6.21 4.52
CA LEU A 11 -11.24 5.84 5.56
C LEU A 11 -9.87 5.68 4.95
N VAL A 12 -8.89 6.35 5.51
CA VAL A 12 -7.53 6.27 5.01
C VAL A 12 -6.65 5.73 6.13
N THR A 13 -5.89 4.67 5.85
CA THR A 13 -4.98 4.12 6.85
C THR A 13 -3.62 4.78 6.73
N GLY A 14 -2.88 4.77 7.84
CA GLY A 14 -1.58 5.38 7.84
C GLY A 14 -1.61 6.81 7.37
N ALA A 15 -2.45 7.62 8.03
CA ALA A 15 -2.80 8.95 7.55
C ALA A 15 -2.24 10.07 8.39
N ASN A 16 -1.41 9.76 9.41
CA ASN A 16 -0.83 10.83 10.21
C ASN A 16 0.30 11.55 9.51
N LYS A 17 0.84 11.01 8.45
CA LYS A 17 1.93 11.64 7.77
C LYS A 17 2.02 11.07 6.36
N GLY A 18 2.96 11.60 5.59
CA GLY A 18 3.28 11.08 4.28
C GLY A 18 2.12 11.17 3.33
N ILE A 19 2.10 10.24 2.39
CA ILE A 19 1.08 10.24 1.34
C ILE A 19 -0.31 10.20 1.92
N GLY A 20 -0.51 9.39 2.98
CA GLY A 20 -1.85 9.21 3.54
C GLY A 20 -2.45 10.50 4.05
N PHE A 21 -1.63 11.33 4.69
CA PHE A 21 -2.08 12.64 5.13
C PHE A 21 -2.57 13.46 3.97
N GLU A 22 -1.82 13.44 2.84
CA GLU A 22 -2.27 14.22 1.69
C GLU A 22 -3.47 13.62 1.01
N ILE A 23 -3.63 12.30 1.04
CA ILE A 23 -4.86 11.71 0.51
C ILE A 23 -6.06 12.24 1.28
N CYS A 24 -5.91 12.36 2.61
CA CYS A 24 -6.97 12.93 3.41
C CYS A 24 -7.30 14.38 2.97
N ARG A 25 -6.26 15.19 2.78
CA ARG A 25 -6.48 16.57 2.34
C ARG A 25 -7.30 16.59 1.06
N GLN A 26 -6.85 15.83 0.06
CA GLN A 26 -7.45 15.92 -1.24
C GLN A 26 -8.86 15.38 -1.28
N LEU A 27 -9.13 14.31 -0.53
CA LEU A 27 -10.48 13.82 -0.45
C LEU A 27 -11.38 14.80 0.27
N ALA A 28 -10.91 15.38 1.38
CA ALA A 28 -11.73 16.34 2.08
C ALA A 28 -12.05 17.55 1.20
N GLU A 29 -11.06 17.98 0.39
CA GLU A 29 -11.29 19.11 -0.51
C GLU A 29 -12.36 18.82 -1.55
N LYS A 30 -12.59 17.54 -1.86
CA LYS A 30 -13.62 17.12 -2.78
C LYS A 30 -14.96 16.92 -2.08
N GLY A 31 -15.07 17.27 -0.78
CA GLY A 31 -16.35 17.21 -0.06
C GLY A 31 -16.62 15.86 0.59
N ILE A 32 -15.68 14.97 0.54
CA ILE A 32 -15.80 13.68 1.20
C ILE A 32 -15.48 13.83 2.66
N ILE A 33 -16.29 13.19 3.50
CA ILE A 33 -16.02 13.16 4.93
C ILE A 33 -14.94 12.12 5.18
N VAL A 34 -13.82 12.53 5.74
CA VAL A 34 -12.64 11.67 5.81
C VAL A 34 -12.42 11.18 7.24
N ILE A 35 -12.28 9.88 7.39
CA ILE A 35 -11.84 9.29 8.65
C ILE A 35 -10.33 9.09 8.51
N LEU A 36 -9.58 10.00 9.14
CA LEU A 36 -8.14 9.96 9.20
C LEU A 36 -7.77 8.99 10.33
N THR A 37 -7.02 7.94 10.02
CA THR A 37 -6.68 6.93 10.99
C THR A 37 -5.17 6.80 11.10
N SER A 38 -4.75 6.36 12.29
CA SER A 38 -3.33 6.15 12.55
C SER A 38 -3.16 5.22 13.72
N ARG A 39 -2.04 4.52 13.74
CA ARG A 39 -1.83 3.53 14.78
C ARG A 39 -1.56 4.19 16.13
N ASN A 40 -0.85 5.33 16.13
CA ASN A 40 -0.58 6.07 17.35
C ASN A 40 -1.64 7.16 17.49
N GLU A 41 -2.32 7.15 18.65
CA GLU A 41 -3.42 8.08 18.87
C GLU A 41 -2.94 9.53 18.85
N LYS A 42 -1.88 9.83 19.61
CA LYS A 42 -1.39 11.20 19.65
C LYS A 42 -0.99 11.70 18.26
N ARG A 43 -0.24 10.90 17.51
CA ARG A 43 0.14 11.36 16.16
C ARG A 43 -1.09 11.63 15.30
N GLY A 44 -2.10 10.78 15.40
CA GLY A 44 -3.26 10.95 14.57
C GLY A 44 -4.09 12.13 14.98
N LEU A 45 -4.26 12.34 16.29
CA LEU A 45 -4.98 13.53 16.77
C LEU A 45 -4.27 14.81 16.36
N GLU A 46 -2.94 14.84 16.44
CA GLU A 46 -2.21 16.01 16.03
C GLU A 46 -2.32 16.23 14.53
N ALA A 47 -2.25 15.13 13.74
CA ALA A 47 -2.42 15.23 12.30
C ALA A 47 -3.79 15.79 11.96
N ARG A 48 -4.82 15.31 12.63
CA ARG A 48 -6.16 15.83 12.34
C ARG A 48 -6.22 17.32 12.64
N GLN A 49 -5.68 17.74 13.79
CA GLN A 49 -5.65 19.14 14.12
C GLN A 49 -4.95 19.98 13.08
N LYS A 50 -3.75 19.54 12.64
CA LYS A 50 -3.01 20.26 11.62
C LYS A 50 -3.79 20.32 10.33
N LEU A 51 -4.33 19.19 9.88
CA LEU A 51 -5.03 19.16 8.59
C LEU A 51 -6.32 19.98 8.66
N LEU A 52 -7.04 19.91 9.76
CA LEU A 52 -8.26 20.71 9.87
C LEU A 52 -7.94 22.20 9.79
N LYS A 53 -6.85 22.62 10.43
CA LYS A 53 -6.41 24.01 10.35
C LYS A 53 -6.09 24.40 8.92
N GLU A 54 -5.31 23.56 8.23
CA GLU A 54 -4.89 23.88 6.88
C GLU A 54 -6.05 23.89 5.91
N LEU A 55 -6.99 22.97 6.08
CA LEU A 55 -8.16 22.90 5.21
C LEU A 55 -9.08 24.07 5.49
N ASN A 56 -9.13 24.50 6.75
CA ASN A 56 -9.94 25.63 7.16
C ASN A 56 -11.43 25.34 7.02
N VAL A 57 -11.79 24.08 7.20
CA VAL A 57 -13.17 23.64 7.02
C VAL A 57 -13.77 23.30 8.37
N SER A 58 -15.04 22.99 8.36
CA SER A 58 -15.72 22.65 9.59
C SER A 58 -15.26 21.31 10.17
N GLU A 59 -15.33 21.23 11.50
CA GLU A 59 -14.84 20.09 12.26
C GLU A 59 -15.42 18.77 11.78
N ASN A 60 -16.65 18.78 11.24
CA ASN A 60 -17.32 17.55 10.89
C ASN A 60 -16.75 16.91 9.65
N ARG A 61 -15.87 17.63 8.92
CA ARG A 61 -15.35 17.15 7.64
C ARG A 61 -14.25 16.12 7.82
N LEU A 62 -13.63 16.07 9.00
CA LEU A 62 -12.47 15.23 9.19
C LEU A 62 -12.60 14.63 10.59
N VAL A 63 -12.62 13.29 10.69
CA VAL A 63 -12.83 12.56 11.94
C VAL A 63 -11.60 11.71 12.16
N PHE A 64 -11.13 11.61 13.39
CA PHE A 64 -10.01 10.74 13.73
C PHE A 64 -10.48 9.44 14.35
N HIS A 65 -9.87 8.35 13.98
CA HIS A 65 -9.96 7.15 14.81
C HIS A 65 -8.64 6.40 14.76
N GLN A 66 -8.28 5.78 15.89
CA GLN A 66 -7.11 4.92 15.93
C GLN A 66 -7.32 3.71 15.02
N LEU A 67 -6.22 3.29 14.37
CA LEU A 67 -6.23 2.05 13.59
C LEU A 67 -4.81 1.60 13.34
N ASP A 68 -4.48 0.45 13.89
CA ASP A 68 -3.25 -0.27 13.59
C ASP A 68 -3.69 -1.49 12.79
N VAL A 69 -3.27 -1.53 11.53
CA VAL A 69 -3.75 -2.54 10.60
C VAL A 69 -3.18 -3.91 10.89
N THR A 70 -2.25 -4.02 11.85
CA THR A 70 -1.71 -5.31 12.27
C THR A 70 -2.34 -5.84 13.55
N ASP A 71 -3.31 -5.10 14.11
CA ASP A 71 -3.94 -5.44 15.38
C ASP A 71 -5.39 -5.78 15.07
N LEU A 72 -5.78 -7.05 15.24
CA LEU A 72 -7.12 -7.44 14.87
C LEU A 72 -8.22 -6.76 15.69
N ALA A 73 -7.95 -6.45 16.95
CA ALA A 73 -8.92 -5.71 17.76
C ALA A 73 -9.10 -4.30 17.21
N SER A 74 -8.00 -3.66 16.81
CA SER A 74 -8.08 -2.31 16.28
C SER A 74 -8.89 -2.29 14.99
N VAL A 75 -8.66 -3.27 14.12
CA VAL A 75 -9.43 -3.40 12.89
C VAL A 75 -10.90 -3.57 13.20
N ALA A 76 -11.23 -4.52 14.09
CA ALA A 76 -12.65 -4.71 14.39
C ALA A 76 -13.28 -3.45 14.96
N ALA A 77 -12.56 -2.73 15.83
CA ALA A 77 -13.16 -1.58 16.47
C ALA A 77 -13.41 -0.45 15.49
N VAL A 78 -12.57 -0.31 14.47
CA VAL A 78 -12.84 0.77 13.53
C VAL A 78 -14.10 0.49 12.74
N ALA A 79 -14.38 -0.78 12.43
CA ALA A 79 -15.62 -1.13 11.75
C ALA A 79 -16.83 -0.87 12.62
N VAL A 80 -16.73 -1.21 13.92
CA VAL A 80 -17.83 -0.89 14.84
C VAL A 80 -18.08 0.59 14.87
N PHE A 81 -17.00 1.38 14.92
CA PHE A 81 -17.11 2.84 14.95
C PHE A 81 -17.80 3.35 13.69
N ILE A 82 -17.35 2.92 12.51
CA ILE A 82 -17.95 3.45 11.30
C ILE A 82 -19.42 3.08 11.24
N LYS A 83 -19.77 1.85 11.66
CA LYS A 83 -21.18 1.45 11.59
C LYS A 83 -22.03 2.32 12.51
N SER A 84 -21.55 2.59 13.72
CA SER A 84 -22.31 3.36 14.69
C SER A 84 -22.45 4.82 14.29
N LYS A 85 -21.39 5.41 13.74
CA LYS A 85 -21.38 6.83 13.48
C LYS A 85 -21.95 7.18 12.11
N PHE A 86 -21.70 6.35 11.10
CA PHE A 86 -22.02 6.74 9.74
C PHE A 86 -22.91 5.75 9.02
N GLY A 87 -22.86 4.48 9.40
CA GLY A 87 -23.75 3.48 8.85
C GLY A 87 -23.33 2.86 7.54
N LYS A 88 -22.28 3.39 6.90
CA LYS A 88 -21.78 2.84 5.66
C LYS A 88 -20.35 3.33 5.51
N LEU A 89 -19.64 2.82 4.52
CA LEU A 89 -18.37 3.42 4.12
C LEU A 89 -18.36 3.40 2.61
N ASP A 90 -17.89 4.49 1.98
CA ASP A 90 -17.84 4.54 0.52
C ASP A 90 -16.47 4.23 -0.04
N ILE A 91 -15.41 4.68 0.62
CA ILE A 91 -14.04 4.59 0.10
C ILE A 91 -13.14 4.09 1.23
N LEU A 92 -12.35 3.08 0.92
CA LEU A 92 -11.28 2.59 1.78
C LEU A 92 -9.97 2.78 1.00
N VAL A 93 -9.03 3.48 1.61
CA VAL A 93 -7.68 3.61 1.07
C VAL A 93 -6.70 2.92 1.99
N ASN A 94 -6.17 1.80 1.51
CA ASN A 94 -5.17 1.03 2.26
C ASN A 94 -3.81 1.59 1.91
N ASN A 95 -3.38 2.55 2.71
CA ASN A 95 -2.17 3.30 2.48
C ASN A 95 -1.04 2.93 3.43
N ALA A 96 -1.34 2.57 4.67
CA ALA A 96 -0.30 2.23 5.62
C ALA A 96 0.69 1.22 5.01
N GLY A 97 1.97 1.41 5.31
CA GLY A 97 2.98 0.49 4.86
C GLY A 97 4.31 0.78 5.52
N VAL A 98 5.14 -0.26 5.61
CA VAL A 98 6.49 -0.16 6.10
C VAL A 98 7.44 -0.88 5.15
N SER A 99 8.74 -0.60 5.25
CA SER A 99 9.71 -1.20 4.30
C SER A 99 10.37 -2.52 4.71
N GLY A 100 10.37 -2.86 5.99
CA GLY A 100 11.07 -4.02 6.53
C GLY A 100 12.58 -3.93 6.59
N VAL A 101 13.16 -2.76 6.30
CA VAL A 101 14.58 -2.57 6.19
C VAL A 101 15.06 -1.73 7.34
N GLU A 102 16.23 -2.07 7.87
CA GLU A 102 16.94 -1.24 8.83
C GLU A 102 18.22 -0.72 8.17
N MET A 103 18.47 0.57 8.26
CA MET A 103 19.69 1.12 7.69
C MET A 103 20.83 1.10 8.70
N VAL A 104 22.02 0.78 8.20
CA VAL A 104 23.25 0.97 8.94
C VAL A 104 24.07 1.94 8.11
N GLY A 105 24.64 2.95 8.76
CA GLY A 105 25.46 3.92 8.06
C GLY A 105 24.64 4.90 7.22
N ASP A 106 25.15 5.26 6.05
CA ASP A 106 24.59 6.31 5.21
C ASP A 106 23.24 5.90 4.69
N VAL A 107 22.19 6.57 5.16
CA VAL A 107 20.82 6.15 4.83
C VAL A 107 20.50 6.37 3.38
N SER A 108 21.26 7.22 2.68
CA SER A 108 20.99 7.44 1.25
C SER A 108 21.26 6.19 0.41
N VAL A 109 21.91 5.17 0.98
CA VAL A 109 21.99 3.91 0.27
C VAL A 109 20.59 3.36 -0.05
N PHE A 110 19.59 3.64 0.80
CA PHE A 110 18.23 3.19 0.54
C PHE A 110 17.77 3.70 -0.82
N ASN A 111 18.03 4.98 -1.09
CA ASN A 111 17.67 5.59 -2.37
CA ASN A 111 17.68 5.61 -2.38
C ASN A 111 18.48 5.02 -3.52
N GLU A 112 19.76 4.68 -3.28
CA GLU A 112 20.53 4.04 -4.33
C GLU A 112 19.87 2.74 -4.76
N TYR A 113 19.40 1.97 -3.80
CA TYR A 113 18.71 0.72 -4.17
C TYR A 113 17.43 1.01 -4.94
N ILE A 114 16.63 1.97 -4.49
CA ILE A 114 15.43 2.33 -5.24
C ILE A 114 15.77 2.66 -6.67
N GLU A 115 16.74 3.55 -6.88
CA GLU A 115 17.10 3.95 -8.25
C GLU A 115 17.59 2.78 -9.08
N ALA A 116 18.38 1.89 -8.46
CA ALA A 116 18.82 0.69 -9.18
C ALA A 116 17.65 -0.17 -9.58
N ASP A 117 16.68 -0.29 -8.69
CA ASP A 117 15.52 -1.13 -8.94
C ASP A 117 14.64 -0.55 -10.02
N PHE A 118 14.45 0.77 -10.04
CA PHE A 118 13.71 1.38 -11.14
C PHE A 118 14.37 1.07 -12.47
N LYS A 119 15.69 1.18 -12.54
CA LYS A 119 16.38 0.88 -13.79
C LYS A 119 16.21 -0.57 -14.16
N ALA A 120 16.33 -1.46 -13.17
CA ALA A 120 16.16 -2.88 -13.43
C ALA A 120 14.75 -3.16 -13.95
N LEU A 121 13.75 -2.58 -13.31
CA LEU A 121 12.37 -2.81 -13.75
C LEU A 121 12.18 -2.32 -15.18
N GLN A 122 12.69 -1.16 -15.50
CA GLN A 122 12.57 -0.66 -16.88
C GLN A 122 13.18 -1.64 -17.85
N ALA A 123 14.37 -2.18 -17.53
CA ALA A 123 15.01 -3.13 -18.44
C ALA A 123 14.19 -4.41 -18.56
N LEU A 124 13.68 -4.91 -17.44
CA LEU A 124 12.91 -6.14 -17.48
C LEU A 124 11.61 -5.94 -18.24
N GLU A 125 10.98 -4.78 -18.09
CA GLU A 125 9.77 -4.49 -18.85
C GLU A 125 10.06 -4.36 -20.33
N ALA A 126 11.28 -4.01 -20.68
CA ALA A 126 11.66 -3.93 -22.06
C ALA A 126 12.13 -5.26 -22.62
N GLY A 127 12.15 -6.30 -21.81
CA GLY A 127 12.45 -7.64 -22.29
C GLY A 127 13.69 -8.28 -21.74
N ALA A 128 14.50 -7.58 -20.95
CA ALA A 128 15.66 -8.20 -20.35
C ALA A 128 15.22 -9.28 -19.39
N LYS A 129 16.05 -10.30 -19.24
CA LYS A 129 15.63 -11.48 -18.49
C LYS A 129 16.17 -11.55 -17.07
N GLU A 130 17.00 -10.61 -16.63
CA GLU A 130 17.55 -10.70 -15.30
C GLU A 130 17.72 -9.33 -14.68
N GLU A 131 17.51 -9.26 -13.39
CA GLU A 131 17.84 -8.08 -12.62
C GLU A 131 19.34 -8.04 -12.38
N PRO A 132 20.03 -6.96 -12.75
CA PRO A 132 21.47 -6.90 -12.53
C PRO A 132 21.81 -6.92 -11.04
N PRO A 133 22.89 -7.59 -10.66
CA PRO A 133 23.41 -7.42 -9.29
C PRO A 133 23.68 -5.94 -8.99
N PHE A 134 23.50 -5.57 -7.74
CA PHE A 134 23.74 -4.18 -7.34
C PHE A 134 24.34 -4.13 -5.94
N LYS A 135 25.38 -3.31 -5.75
CA LYS A 135 25.87 -2.93 -4.44
C LYS A 135 26.00 -1.41 -4.43
N PRO A 136 25.74 -0.79 -3.32
CA PRO A 136 25.68 0.68 -3.30
C PRO A 136 27.06 1.31 -3.21
N LYS A 137 27.09 2.59 -3.54
CA LYS A 137 28.30 3.38 -3.50
C LYS A 137 28.58 3.90 -2.10
N ALA A 138 27.59 4.51 -1.47
CA ALA A 138 27.83 5.23 -0.23
C ALA A 138 28.07 4.25 0.90
N ASN A 139 28.52 4.78 2.03
CA ASN A 139 28.94 3.90 3.12
C ASN A 139 27.76 3.61 4.04
N GLY A 140 26.84 2.79 3.50
CA GLY A 140 25.71 2.31 4.26
C GLY A 140 25.25 0.98 3.71
N GLU A 141 24.35 0.34 4.44
CA GLU A 141 23.81 -0.92 3.97
C GLU A 141 22.37 -1.05 4.47
N MET A 142 21.58 -1.79 3.70
CA MET A 142 20.20 -2.13 4.06
C MET A 142 20.20 -3.50 4.68
N ILE A 143 19.77 -3.60 5.91
CA ILE A 143 19.70 -4.86 6.64
C ILE A 143 18.26 -5.34 6.63
N GLU A 144 18.08 -6.57 6.24
CA GLU A 144 16.77 -7.15 6.03
C GLU A 144 16.69 -8.41 6.87
N LYS A 145 16.10 -8.29 8.05
CA LYS A 145 15.97 -9.42 8.96
C LYS A 145 14.53 -9.92 9.02
N PHE A 146 14.38 -11.07 9.70
CA PHE A 146 13.07 -11.71 9.83
C PHE A 146 12.04 -10.79 10.48
N GLU A 147 12.37 -10.17 11.62
CA GLU A 147 11.35 -9.37 12.30
C GLU A 147 10.82 -8.27 11.41
N GLY A 148 11.72 -7.57 10.69
CA GLY A 148 11.28 -6.52 9.81
C GLY A 148 10.49 -7.05 8.64
N ALA A 149 10.89 -8.21 8.13
CA ALA A 149 10.17 -8.82 7.01
C ALA A 149 8.76 -9.20 7.41
N LYS A 150 8.63 -9.76 8.61
CA LYS A 150 7.32 -10.11 9.15
C LYS A 150 6.47 -8.87 9.33
N ASP A 151 7.05 -7.81 9.89
CA ASP A 151 6.28 -6.58 10.03
C ASP A 151 5.82 -6.03 8.68
N CYS A 152 6.69 -6.09 7.68
CA CYS A 152 6.34 -5.66 6.35
C CYS A 152 5.18 -6.47 5.77
N VAL A 153 5.28 -7.81 5.77
CA VAL A 153 4.19 -8.63 5.21
C VAL A 153 2.89 -8.42 5.97
N VAL A 154 2.96 -8.35 7.30
CA VAL A 154 1.75 -8.25 8.09
C VAL A 154 1.11 -6.88 7.89
N THR A 155 1.93 -5.82 7.79
CA THR A 155 1.37 -4.48 7.56
C THR A 155 0.90 -4.30 6.13
N ASN A 156 1.69 -4.72 5.17
CA ASN A 156 1.50 -4.32 3.76
C ASN A 156 0.57 -5.25 3.01
N TYR A 157 0.51 -6.52 3.42
CA TYR A 157 -0.34 -7.52 2.78
C TYR A 157 -1.50 -7.94 3.68
N TYR A 158 -1.21 -8.48 4.86
CA TYR A 158 -2.34 -8.88 5.71
C TYR A 158 -3.16 -7.68 6.16
N GLY A 159 -2.56 -6.51 6.30
CA GLY A 159 -3.32 -5.37 6.75
C GLY A 159 -4.42 -4.99 5.81
N PRO A 160 -4.08 -4.76 4.53
CA PRO A 160 -5.14 -4.43 3.57
C PRO A 160 -6.15 -5.56 3.38
N LYS A 161 -5.70 -6.82 3.47
CA LYS A 161 -6.63 -7.92 3.32
C LYS A 161 -7.62 -7.92 4.48
N ARG A 162 -7.12 -7.83 5.70
CA ARG A 162 -7.98 -7.93 6.88
C ARG A 162 -8.89 -6.72 7.00
N LEU A 163 -8.39 -5.52 6.67
CA LEU A 163 -9.22 -4.35 6.74
C LEU A 163 -10.31 -4.36 5.67
N THR A 164 -9.96 -4.79 4.45
CA THR A 164 -10.95 -4.97 3.40
C THR A 164 -12.03 -5.89 3.89
N GLN A 165 -11.63 -7.06 4.39
CA GLN A 165 -12.62 -8.07 4.84
C GLN A 165 -13.50 -7.54 5.96
N ALA A 166 -12.92 -6.78 6.90
CA ALA A 166 -13.69 -6.27 8.01
C ALA A 166 -14.73 -5.25 7.56
N LEU A 167 -14.44 -4.55 6.47
CA LEU A 167 -15.25 -3.42 6.01
C LEU A 167 -16.20 -3.77 4.88
N ILE A 168 -16.20 -5.03 4.38
CA ILE A 168 -17.14 -5.38 3.31
C ILE A 168 -18.59 -5.01 3.63
N PRO A 169 -19.15 -5.40 4.80
CA PRO A 169 -20.55 -5.07 5.05
C PRO A 169 -20.86 -3.60 4.94
N LEU A 170 -19.95 -2.76 5.40
CA LEU A 170 -20.19 -1.32 5.34
C LEU A 170 -20.03 -0.79 3.94
N LEU A 171 -19.00 -1.24 3.21
CA LEU A 171 -18.79 -0.83 1.84
C LEU A 171 -19.95 -1.29 0.97
N GLN A 172 -20.55 -2.44 1.29
CA GLN A 172 -21.67 -2.94 0.50
C GLN A 172 -22.85 -1.99 0.58
N LEU A 173 -22.90 -1.11 1.58
CA LEU A 173 -23.98 -0.16 1.72
C LEU A 173 -23.73 1.16 1.00
N SER A 174 -22.61 1.27 0.29
CA SER A 174 -22.32 2.43 -0.53
C SER A 174 -22.89 2.22 -1.92
N PRO A 175 -23.36 3.29 -2.57
CA PRO A 175 -23.75 3.15 -3.99
C PRO A 175 -22.58 3.01 -4.94
N SER A 176 -21.37 3.38 -4.51
CA SER A 176 -20.17 3.31 -5.34
C SER A 176 -19.00 2.90 -4.45
N PRO A 177 -18.97 1.63 -4.03
CA PRO A 177 -17.89 1.21 -3.12
C PRO A 177 -16.54 1.22 -3.82
N ARG A 178 -15.56 1.78 -3.16
CA ARG A 178 -14.21 1.92 -3.71
C ARG A 178 -13.16 1.47 -2.71
N ILE A 179 -12.21 0.67 -3.18
CA ILE A 179 -11.02 0.33 -2.40
C ILE A 179 -9.82 0.67 -3.26
N VAL A 180 -8.86 1.37 -2.67
CA VAL A 180 -7.61 1.69 -3.32
C VAL A 180 -6.48 1.16 -2.46
N ASN A 181 -5.65 0.29 -3.02
CA ASN A 181 -4.52 -0.28 -2.33
C ASN A 181 -3.27 0.43 -2.82
N VAL A 182 -2.59 1.12 -1.92
CA VAL A 182 -1.39 1.83 -2.29
C VAL A 182 -0.26 0.82 -2.35
N SER A 183 0.14 0.49 -3.57
CA SER A 183 1.08 -0.59 -3.81
C SER A 183 2.35 0.01 -4.39
N SER A 184 3.05 -0.77 -5.20
CA SER A 184 4.30 -0.31 -5.79
C SER A 184 4.54 -1.05 -7.07
N SER A 185 5.15 -0.39 -8.02
CA SER A 185 5.66 -1.10 -9.19
C SER A 185 6.68 -2.14 -8.83
N PHE A 186 7.30 -2.03 -7.65
CA PHE A 186 8.26 -3.05 -7.26
C PHE A 186 7.61 -4.36 -6.88
N GLY A 187 6.26 -4.39 -6.75
CA GLY A 187 5.53 -5.65 -6.68
C GLY A 187 5.45 -6.39 -7.99
N SER A 188 6.00 -5.86 -9.08
CA SER A 188 5.99 -6.55 -10.37
C SER A 188 6.54 -7.96 -10.24
N LEU A 189 5.85 -8.92 -10.86
CA LEU A 189 6.38 -10.27 -10.84
C LEU A 189 7.73 -10.35 -11.50
N LEU A 190 8.07 -9.40 -12.37
CA LEU A 190 9.38 -9.41 -13.00
C LEU A 190 10.51 -9.31 -12.00
N LEU A 191 10.24 -8.68 -10.84
CA LEU A 191 11.25 -8.45 -9.81
C LEU A 191 11.19 -9.47 -8.68
N LEU A 192 10.29 -10.45 -8.74
CA LEU A 192 10.04 -11.29 -7.58
C LEU A 192 11.04 -12.45 -7.43
N TRP A 193 11.79 -12.81 -8.51
CA TRP A 193 12.83 -13.85 -8.58
C TRP A 193 12.32 -15.27 -8.41
N ASN A 194 11.39 -15.49 -7.50
CA ASN A 194 10.98 -16.85 -7.12
C ASN A 194 10.04 -17.40 -8.18
N GLU A 195 10.47 -18.42 -8.94
CA GLU A 195 9.65 -18.88 -10.05
C GLU A 195 8.34 -19.48 -9.58
N TRP A 196 8.35 -20.24 -8.48
CA TRP A 196 7.10 -20.80 -7.95
C TRP A 196 6.12 -19.69 -7.61
N ALA A 197 6.60 -18.68 -6.88
CA ALA A 197 5.72 -17.60 -6.46
C ALA A 197 5.24 -16.80 -7.65
N LYS A 198 6.10 -16.55 -8.64
CA LYS A 198 5.68 -15.81 -9.84
C LYS A 198 4.58 -16.57 -10.57
N GLY A 199 4.70 -17.88 -10.64
CA GLY A 199 3.66 -18.64 -11.32
C GLY A 199 2.37 -18.61 -10.56
N VAL A 200 2.44 -18.74 -9.24
CA VAL A 200 1.21 -18.73 -8.44
C VAL A 200 0.53 -17.38 -8.53
N LEU A 201 1.25 -16.31 -8.27
CA LEU A 201 0.64 -14.99 -8.27
C LEU A 201 0.20 -14.60 -9.65
N GLY A 202 0.87 -15.10 -10.69
CA GLY A 202 0.55 -14.74 -12.05
C GLY A 202 -0.62 -15.50 -12.66
N ASP A 203 -1.03 -16.61 -12.02
CA ASP A 203 -2.07 -17.51 -12.56
C ASP A 203 -3.41 -17.00 -12.04
N GLU A 204 -3.92 -15.99 -12.72
CA GLU A 204 -5.03 -15.21 -12.19
C GLU A 204 -6.28 -16.05 -12.03
N ASP A 205 -6.53 -16.96 -12.97
CA ASP A 205 -7.76 -17.75 -12.90
C ASP A 205 -7.79 -18.70 -11.71
N ARG A 206 -6.62 -19.02 -11.14
CA ARG A 206 -6.53 -19.94 -10.02
C ARG A 206 -6.22 -19.23 -8.73
N LEU A 207 -6.15 -17.91 -8.74
CA LEU A 207 -5.77 -17.15 -7.55
C LEU A 207 -6.81 -17.33 -6.48
N THR A 208 -6.36 -17.59 -5.27
CA THR A 208 -7.20 -17.57 -4.09
C THR A 208 -6.41 -16.96 -2.96
N GLU A 209 -7.11 -16.51 -1.95
CA GLU A 209 -6.46 -15.97 -0.78
C GLU A 209 -5.51 -16.98 -0.18
N GLU A 210 -5.91 -18.24 -0.16
CA GLU A 210 -5.07 -19.28 0.43
C GLU A 210 -3.75 -19.43 -0.31
N ARG A 211 -3.79 -19.34 -1.64
CA ARG A 211 -2.58 -19.49 -2.43
C ARG A 211 -1.64 -18.31 -2.21
N VAL A 212 -2.18 -17.09 -2.08
CA VAL A 212 -1.33 -15.92 -1.83
C VAL A 212 -0.73 -16.00 -0.43
N ASP A 213 -1.55 -16.40 0.55
CA ASP A 213 -1.05 -16.54 1.92
C ASP A 213 0.10 -17.52 1.96
N GLU A 214 -0.02 -18.62 1.20
CA GLU A 214 1.06 -19.61 1.16
C GLU A 214 2.34 -19.02 0.62
N VAL A 215 2.24 -18.20 -0.42
CA VAL A 215 3.44 -17.58 -0.95
C VAL A 215 4.12 -16.74 0.12
N VAL A 216 3.36 -15.88 0.81
CA VAL A 216 4.03 -14.98 1.76
C VAL A 216 4.56 -15.74 2.96
N GLU A 217 3.89 -16.83 3.37
CA GLU A 217 4.36 -17.60 4.49
C GLU A 217 5.61 -18.42 4.14
N VAL A 218 5.71 -18.90 2.91
CA VAL A 218 6.94 -19.59 2.48
C VAL A 218 8.09 -18.61 2.48
N PHE A 219 7.87 -17.39 1.98
CA PHE A 219 8.90 -16.36 2.06
C PHE A 219 9.35 -16.11 3.50
N LEU A 220 8.40 -15.91 4.40
CA LEU A 220 8.77 -15.61 5.79
C LEU A 220 9.56 -16.73 6.43
N LYS A 221 9.17 -17.97 6.16
CA LYS A 221 9.94 -19.09 6.68
C LYS A 221 11.36 -19.09 6.14
N ASP A 222 11.53 -18.75 4.86
CA ASP A 222 12.87 -18.73 4.27
C ASP A 222 13.72 -17.67 4.92
N ILE A 223 13.18 -16.46 5.12
CA ILE A 223 14.04 -15.44 5.73
C ILE A 223 14.32 -15.80 7.19
N LYS A 224 13.35 -16.41 7.88
CA LYS A 224 13.58 -16.85 9.25
C LYS A 224 14.76 -17.80 9.32
N GLU A 225 14.89 -18.66 8.31
CA GLU A 225 15.90 -19.72 8.26
C GLU A 225 17.15 -19.34 7.47
N GLY A 226 17.27 -18.09 7.05
CA GLY A 226 18.44 -17.60 6.31
C GLY A 226 18.63 -18.21 4.93
N LYS A 227 17.53 -18.46 4.21
CA LYS A 227 17.56 -19.18 2.94
C LYS A 227 17.08 -18.32 1.79
N LEU A 228 17.14 -16.99 1.89
CA LEU A 228 16.56 -16.16 0.84
C LEU A 228 17.25 -16.37 -0.49
N GLU A 229 18.58 -16.44 -0.48
CA GLU A 229 19.29 -16.68 -1.72
C GLU A 229 18.96 -18.07 -2.25
N GLU A 230 19.13 -19.09 -1.42
CA GLU A 230 18.98 -20.45 -1.91
C GLU A 230 17.56 -20.73 -2.34
N SER A 231 16.58 -20.04 -1.78
CA SER A 231 15.19 -20.25 -2.16
C SER A 231 14.71 -19.27 -3.23
N GLN A 232 15.60 -18.46 -3.80
CA GLN A 232 15.29 -17.75 -5.02
C GLN A 232 14.34 -16.58 -4.75
N TRP A 233 14.53 -15.89 -3.64
CA TRP A 233 13.85 -14.62 -3.38
C TRP A 233 14.72 -13.44 -3.77
N PRO A 234 14.15 -12.24 -3.82
CA PRO A 234 14.93 -11.08 -4.29
C PRO A 234 16.13 -10.84 -3.41
N PRO A 235 17.19 -10.27 -3.98
CA PRO A 235 18.42 -10.01 -3.22
C PRO A 235 18.34 -8.85 -2.28
N HIS A 236 17.39 -7.96 -2.50
CA HIS A 236 17.15 -6.85 -1.59
C HIS A 236 15.72 -6.41 -1.78
N PHE A 237 15.22 -5.63 -0.82
CA PHE A 237 13.79 -5.26 -0.76
C PHE A 237 12.91 -6.50 -0.88
N ALA A 238 13.34 -7.60 -0.28
CA ALA A 238 12.63 -8.84 -0.48
C ALA A 238 11.21 -8.81 0.10
N ALA A 239 11.09 -8.40 1.34
CA ALA A 239 9.79 -8.37 1.98
C ALA A 239 8.89 -7.34 1.33
N GLU A 240 9.46 -6.19 0.97
CA GLU A 240 8.67 -5.17 0.30
C GLU A 240 8.10 -5.71 -1.02
N ARG A 241 8.97 -6.33 -1.83
CA ARG A 241 8.54 -6.86 -3.13
C ARG A 241 7.48 -7.95 -2.95
N VAL A 242 7.72 -8.90 -2.02
CA VAL A 242 6.76 -9.98 -1.80
C VAL A 242 5.43 -9.39 -1.36
N SER A 243 5.48 -8.45 -0.40
CA SER A 243 4.24 -7.93 0.18
C SER A 243 3.42 -7.17 -0.85
N LYS A 244 4.07 -6.37 -1.69
CA LYS A 244 3.34 -5.59 -2.69
C LYS A 244 2.84 -6.50 -3.82
N ALA A 245 3.63 -7.50 -4.20
CA ALA A 245 3.12 -8.48 -5.15
C ALA A 245 1.88 -9.21 -4.62
N ALA A 246 1.93 -9.62 -3.34
CA ALA A 246 0.81 -10.29 -2.71
C ALA A 246 -0.39 -9.35 -2.67
N LEU A 247 -0.15 -8.08 -2.35
CA LEU A 247 -1.22 -7.08 -2.33
C LEU A 247 -1.87 -6.92 -3.69
N ASN A 248 -1.05 -6.88 -4.74
CA ASN A 248 -1.58 -6.79 -6.10
C ASN A 248 -2.43 -7.99 -6.42
N ALA A 249 -2.00 -9.17 -6.00
CA ALA A 249 -2.79 -10.36 -6.27
C ALA A 249 -4.09 -10.35 -5.49
N TYR A 250 -4.03 -9.92 -4.22
CA TYR A 250 -5.26 -9.83 -3.43
C TYR A 250 -6.23 -8.82 -4.02
N THR A 251 -5.69 -7.74 -4.57
CA THR A 251 -6.54 -6.76 -5.28
C THR A 251 -7.38 -7.46 -6.35
N LYS A 252 -6.76 -8.36 -7.14
CA LYS A 252 -7.49 -9.08 -8.17
C LYS A 252 -8.51 -10.03 -7.53
N ILE A 253 -8.10 -10.76 -6.49
CA ILE A 253 -9.02 -11.69 -5.82
C ILE A 253 -10.25 -10.93 -5.33
N ALA A 254 -10.02 -9.81 -4.67
CA ALA A 254 -11.12 -9.07 -4.07
C ALA A 254 -12.02 -8.45 -5.12
N ALA A 255 -11.43 -7.95 -6.19
CA ALA A 255 -12.25 -7.37 -7.25
C ALA A 255 -13.17 -8.40 -7.88
N LYS A 256 -12.72 -9.64 -7.97
CA LYS A 256 -13.57 -10.71 -8.51
C LYS A 256 -14.65 -11.12 -7.52
N LYS A 257 -14.31 -11.15 -6.21
CA LYS A 257 -15.25 -11.58 -5.18
C LYS A 257 -16.34 -10.55 -4.95
N TYR A 258 -16.02 -9.26 -5.16
CA TYR A 258 -16.91 -8.13 -4.88
C TYR A 258 -17.09 -7.35 -6.17
N PRO A 259 -17.83 -7.90 -7.13
CA PRO A 259 -17.82 -7.34 -8.48
C PRO A 259 -18.49 -5.99 -8.59
N SER A 260 -19.38 -5.62 -7.68
CA SER A 260 -19.95 -4.27 -7.71
C SER A 260 -19.01 -3.19 -7.18
N PHE A 261 -17.96 -3.56 -6.47
CA PHE A 261 -17.00 -2.59 -5.99
C PHE A 261 -16.04 -2.29 -7.13
N ARG A 262 -15.29 -1.20 -7.00
CA ARG A 262 -14.12 -0.97 -7.83
C ARG A 262 -12.93 -0.98 -6.89
N ILE A 263 -12.07 -1.97 -7.09
CA ILE A 263 -10.95 -2.26 -6.17
C ILE A 263 -9.71 -2.28 -7.03
N ASN A 264 -8.77 -1.36 -6.77
CA ASN A 264 -7.58 -1.26 -7.59
C ASN A 264 -6.35 -0.97 -6.75
N ALA A 265 -5.21 -1.34 -7.30
CA ALA A 265 -3.91 -1.06 -6.72
C ALA A 265 -3.20 -0.03 -7.57
N ILE A 266 -2.39 0.81 -6.91
CA ILE A 266 -1.71 1.90 -7.59
C ILE A 266 -0.28 2.00 -7.14
N CYS A 267 0.54 2.67 -7.97
CA CYS A 267 1.86 3.18 -7.58
C CYS A 267 1.74 4.69 -7.61
N PRO A 268 2.02 5.40 -6.49
CA PRO A 268 1.84 6.85 -6.47
C PRO A 268 2.97 7.60 -7.12
N GLY A 269 4.10 6.93 -7.40
CA GLY A 269 5.33 7.54 -7.83
C GLY A 269 6.29 7.60 -6.66
N TYR A 270 7.52 7.99 -6.96
CA TYR A 270 8.59 8.03 -5.98
C TYR A 270 8.57 9.41 -5.32
N ALA A 271 8.20 9.42 -4.05
CA ALA A 271 7.82 10.65 -3.37
C ALA A 271 8.59 10.83 -2.07
N LYS A 272 8.79 12.06 -1.70
CA LYS A 272 9.59 12.41 -0.51
C LYS A 272 8.79 12.21 0.77
N THR A 273 9.03 11.10 1.46
CA THR A 273 8.37 10.82 2.72
C THR A 273 9.37 10.18 3.67
N ASP A 274 8.95 9.91 4.92
CA ASP A 274 9.87 9.27 5.84
C ASP A 274 10.35 7.92 5.30
N ILE A 275 9.51 7.20 4.56
CA ILE A 275 9.89 5.86 4.15
C ILE A 275 11.03 5.93 3.14
N THR A 276 11.17 7.04 2.42
CA THR A 276 12.23 7.19 1.42
C THR A 276 13.32 8.13 1.91
N PHE A 277 13.32 8.48 3.20
CA PHE A 277 14.33 9.43 3.71
C PHE A 277 14.20 10.76 2.98
N HIS A 278 12.97 11.09 2.58
CA HIS A 278 12.63 12.33 1.90
C HIS A 278 13.40 12.55 0.61
N ALA A 279 13.64 11.46 -0.10
CA ALA A 279 14.13 11.51 -1.46
C ALA A 279 13.04 11.09 -2.43
N GLY A 280 13.27 11.42 -3.68
CA GLY A 280 12.35 11.11 -4.74
C GLY A 280 11.89 12.37 -5.42
N PRO A 281 11.46 12.27 -6.67
CA PRO A 281 11.13 13.49 -7.42
C PRO A 281 9.82 14.14 -7.04
N LEU A 282 8.88 13.39 -6.46
CA LEU A 282 7.54 13.92 -6.24
C LEU A 282 7.36 14.47 -4.84
N SER A 283 6.52 15.48 -4.73
CA SER A 283 6.05 15.90 -3.42
C SER A 283 4.97 14.94 -2.93
N VAL A 284 4.66 15.03 -1.62
CA VAL A 284 3.62 14.18 -1.09
CA VAL A 284 3.61 14.18 -1.08
C VAL A 284 2.27 14.54 -1.71
N ALA A 285 2.05 15.81 -1.98
CA ALA A 285 0.80 16.21 -2.61
C ALA A 285 0.69 15.60 -4.01
N GLU A 286 1.76 15.64 -4.80
CA GLU A 286 1.73 14.99 -6.11
C GLU A 286 1.46 13.50 -6.01
N ALA A 287 2.14 12.82 -5.10
CA ALA A 287 1.95 11.38 -4.96
C ALA A 287 0.50 11.04 -4.66
N ALA A 288 -0.15 11.80 -3.74
CA ALA A 288 -1.51 11.46 -3.33
C ALA A 288 -2.51 11.59 -4.46
N GLN A 289 -2.17 12.33 -5.52
CA GLN A 289 -3.11 12.44 -6.64
C GLN A 289 -3.50 11.09 -7.20
N VAL A 290 -2.60 10.12 -7.18
CA VAL A 290 -2.86 8.81 -7.76
C VAL A 290 -3.92 8.04 -6.98
N PRO A 291 -3.72 7.74 -5.71
CA PRO A 291 -4.78 7.02 -5.01
C PRO A 291 -6.09 7.77 -5.00
N VAL A 292 -6.05 9.11 -4.91
CA VAL A 292 -7.30 9.88 -4.93
C VAL A 292 -8.03 9.69 -6.25
N LYS A 293 -7.27 9.64 -7.36
CA LYS A 293 -7.89 9.40 -8.67
C LYS A 293 -8.68 8.10 -8.67
N LEU A 294 -8.09 7.03 -8.10
CA LEU A 294 -8.80 5.74 -8.10
C LEU A 294 -9.91 5.68 -7.06
N ALA A 295 -9.83 6.49 -6.00
CA ALA A 295 -10.89 6.52 -5.01
C ALA A 295 -12.12 7.22 -5.56
N LEU A 296 -11.94 8.10 -6.56
CA LEU A 296 -13.02 8.87 -7.18
C LEU A 296 -13.38 8.33 -8.56
N LEU A 297 -12.89 7.14 -8.89
CA LEU A 297 -13.16 6.53 -10.18
C LEU A 297 -14.67 6.45 -10.42
N PRO A 298 -15.16 6.85 -11.58
CA PRO A 298 -16.59 6.73 -11.86
C PRO A 298 -17.03 5.27 -11.91
N ASP A 299 -18.32 5.06 -11.68
CA ASP A 299 -18.91 3.73 -11.84
C ASP A 299 -18.56 3.19 -13.22
N GLY A 300 -18.28 1.88 -13.26
CA GLY A 300 -17.97 1.19 -14.46
C GLY A 300 -16.52 1.20 -14.85
N GLY A 301 -15.69 1.95 -14.12
CA GLY A 301 -14.29 2.01 -14.43
C GLY A 301 -13.57 0.69 -14.14
N PRO A 302 -12.29 0.64 -14.47
CA PRO A 302 -11.50 -0.58 -14.23
C PRO A 302 -11.57 -1.04 -12.78
N SER A 303 -11.51 -2.37 -12.60
CA SER A 303 -11.42 -2.97 -11.27
C SER A 303 -10.51 -4.19 -11.35
N GLY A 304 -9.81 -4.42 -10.26
CA GLY A 304 -8.85 -5.51 -10.16
C GLY A 304 -7.53 -5.24 -10.81
N CYS A 305 -7.20 -3.99 -11.11
CA CYS A 305 -6.01 -3.67 -11.85
C CYS A 305 -4.95 -3.05 -10.97
N PHE A 306 -3.73 -2.98 -11.51
CA PHE A 306 -2.63 -2.24 -10.94
C PHE A 306 -2.27 -1.12 -11.92
N PHE A 307 -2.24 0.12 -11.42
CA PHE A 307 -1.95 1.28 -12.26
C PHE A 307 -0.70 2.00 -11.78
N PRO A 308 0.34 2.09 -12.58
CA PRO A 308 1.41 3.06 -12.27
C PRO A 308 0.88 4.48 -12.40
N ARG A 309 1.70 5.44 -11.93
CA ARG A 309 1.21 6.81 -11.76
C ARG A 309 0.62 7.38 -13.04
N ASP A 310 1.38 7.34 -14.16
CA ASP A 310 0.88 8.08 -15.32
C ASP A 310 -0.36 7.44 -15.89
N LYS A 311 -0.42 6.11 -15.86
CA LYS A 311 -1.63 5.44 -16.32
C LYS A 311 -2.83 5.76 -15.42
N ALA A 312 -2.62 5.81 -14.11
CA ALA A 312 -3.71 6.15 -13.21
C ALA A 312 -4.26 7.53 -13.51
N LEU A 313 -3.38 8.49 -13.71
CA LEU A 313 -3.81 9.87 -13.88
C LEU A 313 -4.49 10.09 -15.22
N ALA A 314 -4.19 9.25 -16.21
CA ALA A 314 -4.82 9.30 -17.51
C ALA A 314 -6.13 8.54 -17.59
N LEU A 315 -6.61 7.95 -16.48
CA LEU A 315 -7.77 7.06 -16.58
C LEU A 315 -9.02 7.81 -16.91
N TYR A 316 -9.13 9.05 -16.47
CA TYR A 316 -10.26 9.88 -16.81
C TYR A 316 -9.90 11.32 -16.46
C10 6KX B . 7.31 1.06 -0.75
C01 6KX B . 7.81 -1.48 -2.40
C02 6KX B . 9.03 -0.61 -2.06
C03 6KX B . 8.76 0.64 -1.15
C04 6KX B . 9.88 1.57 -0.94
C05 6KX B . 11.34 0.84 -1.19
C06 6KX B . 11.43 0.14 -2.39
C07 6KX B . 10.36 -1.10 -2.40
C08 6KX B . 9.80 2.88 -1.80
C09 6KX B . 9.82 2.02 0.52
O11 6KX B . 6.75 1.52 -1.80
PA NAP C . 5.55 7.18 5.49
O1A NAP C . 6.44 6.34 6.17
O2A NAP C . 5.67 8.65 5.45
O5B NAP C . 4.02 6.87 5.97
C5B NAP C . 3.67 5.58 6.35
C4B NAP C . 2.34 5.72 7.13
O4B NAP C . 1.98 4.24 7.37
C3B NAP C . 2.54 6.28 8.38
O3B NAP C . 1.34 7.02 8.76
C2B NAP C . 2.71 5.05 9.33
O2B NAP C . 2.39 5.43 10.73
C1B NAP C . 1.72 4.20 8.86
N9A NAP C . 1.88 2.84 9.33
C8A NAP C . 2.91 1.97 9.38
N7A NAP C . 2.58 0.85 9.98
C5A NAP C . 1.25 1.07 10.28
C6A NAP C . 0.42 0.19 10.94
N6A NAP C . 0.64 -1.08 11.45
N1A NAP C . -0.90 0.52 11.16
C2A NAP C . -1.24 1.73 10.74
N3A NAP C . -0.48 2.64 10.11
C4A NAP C . 0.81 2.24 9.89
O3 NAP C . 5.55 6.62 3.95
PN NAP C . 4.65 6.87 2.70
O1N NAP C . 5.57 7.03 1.55
O2N NAP C . 3.66 7.93 2.87
O5D NAP C . 3.92 5.41 2.68
C5D NAP C . 2.54 5.36 2.29
C4D NAP C . 2.38 4.12 1.36
O4D NAP C . 2.95 4.58 0.02
C3D NAP C . 3.03 2.96 1.74
O3D NAP C . 2.13 1.77 1.58
C2D NAP C . 4.21 2.75 0.75
O2D NAP C . 4.54 1.43 0.56
C1D NAP C . 3.60 3.44 -0.40
N1N NAP C . 4.54 3.91 -1.45
C2N NAP C . 5.37 4.95 -1.20
C3N NAP C . 6.22 5.38 -2.18
C7N NAP C . 7.17 6.56 -2.05
O7N NAP C . 7.99 6.83 -2.84
N7N NAP C . 7.03 7.38 -0.90
C4N NAP C . 6.22 4.83 -3.42
C5N NAP C . 5.40 3.77 -3.64
C6N NAP C . 4.55 3.32 -2.70
P2B NAP C . 3.54 5.84 11.86
O1X NAP C . 2.94 5.32 13.10
O2X NAP C . 3.68 7.27 11.78
O3X NAP C . 4.80 5.07 11.50
H51A NAP C . 4.36 5.20 6.92
H52A NAP C . 3.54 5.04 5.56
H4B NAP C . 1.65 6.18 6.63
H3B NAP C . 3.33 6.84 8.38
HO3A NAP C . 1.39 7.81 8.45
H2B NAP C . 3.59 4.65 9.24
H1B NAP C . 0.84 4.56 9.07
H8A NAP C . 3.76 2.17 9.06
H61A NAP C . 1.43 -1.37 11.54
H62A NAP C . -0.04 -1.57 11.68
H2A NAP C . -2.13 1.98 10.90
H51N NAP C . 1.97 5.27 3.06
H52N NAP C . 2.31 6.17 1.80
H4D NAP C . 1.44 3.93 1.25
H3D NAP C . 3.36 3.03 2.66
HO3N NAP C . 2.46 1.11 2.01
H2D NAP C . 5.00 3.24 1.06
HO2N NAP C . 5.26 1.24 0.97
H1D NAP C . 2.96 2.84 -0.80
H2N NAP C . 5.37 5.38 -0.37
H71N NAP C . 7.55 8.06 -0.79
H72N NAP C . 6.44 7.20 -0.31
H4N NAP C . 6.81 5.12 -4.07
H5N NAP C . 5.39 3.37 -4.48
H6N NAP C . 3.99 2.61 -2.88
#